data_2XTV
#
_entry.id   2XTV
#
_cell.length_a   38.630
_cell.length_b   58.870
_cell.length_c   91.090
_cell.angle_alpha   90.00
_cell.angle_beta   90.00
_cell.angle_gamma   90.00
#
_symmetry.space_group_name_H-M   'P 21 21 21'
#
loop_
_entity.id
_entity.type
_entity.pdbx_description
1 polymer 'RHOMBOID PROTEASE GLPG'
2 non-polymer 1,2-DIMYRISTOYL-RAC-GLYCERO-3-PHOSPHOCHOLINE
3 water water
#
_entity_poly.entity_id   1
_entity_poly.type   'polypeptide(L)'
_entity_poly.pdbx_seq_one_letter_code
;AGPVTWVMMIACVVVFIAMQILGDQEVMLWLAWPFDPTLKFEFWRYFTHALMHFSLMHILFNLLWWWYLGGAVEKRLGSG
KLIVITLISALLSGYVQQKFSGPWFGGLTGVVYALMGYVWLRGERDPQSGIYLQRGLIIFALIWIVAGWFDLFGMSMANG
AHIAGLAVGLAMAFVDSLNA
;
_entity_poly.pdbx_strand_id   A
#
loop_
_chem_comp.id
_chem_comp.type
_chem_comp.name
_chem_comp.formula
MC3 non-polymer 1,2-DIMYRISTOYL-RAC-GLYCERO-3-PHOSPHOCHOLINE 'C36 H72 N O8 P'
#
# COMPACT_ATOMS: atom_id res chain seq x y z
N ALA A 1 11.05 10.71 8.51
CA ALA A 1 9.94 10.56 7.59
C ALA A 1 9.35 11.92 7.20
N GLY A 2 8.91 12.03 5.95
CA GLY A 2 8.41 13.29 5.43
C GLY A 2 6.91 13.44 5.59
N PRO A 3 6.34 14.51 5.02
CA PRO A 3 4.92 14.82 5.22
C PRO A 3 3.96 13.77 4.63
N VAL A 4 4.24 13.23 3.45
CA VAL A 4 3.35 12.21 2.88
C VAL A 4 3.35 10.97 3.78
N THR A 5 4.54 10.58 4.24
CA THR A 5 4.66 9.41 5.12
C THR A 5 3.82 9.59 6.37
N TRP A 6 3.98 10.74 7.03
CA TRP A 6 3.24 10.98 8.27
C TRP A 6 1.74 11.18 8.08
N VAL A 7 1.34 11.91 7.04
CA VAL A 7 -0.09 12.17 6.84
C VAL A 7 -0.83 10.85 6.61
N MET A 8 -0.20 9.92 5.87
CA MET A 8 -0.83 8.62 5.64
C MET A 8 -1.02 7.85 6.95
N MET A 9 -0.01 7.91 7.81
CA MET A 9 -0.08 7.23 9.09
C MET A 9 -1.18 7.83 9.97
N ILE A 10 -1.24 9.16 10.01
CA ILE A 10 -2.30 9.83 10.75
C ILE A 10 -3.67 9.42 10.23
N ALA A 11 -3.83 9.47 8.91
CA ALA A 11 -5.10 9.10 8.31
C ALA A 11 -5.51 7.66 8.66
N CYS A 12 -4.60 6.70 8.52
CA CYS A 12 -4.94 5.31 8.76
C CYS A 12 -5.32 5.08 10.22
N VAL A 13 -4.59 5.72 11.12
CA VAL A 13 -4.87 5.56 12.54
C VAL A 13 -6.24 6.15 12.91
N VAL A 14 -6.54 7.37 12.43
CA VAL A 14 -7.83 7.98 12.72
C VAL A 14 -8.95 7.13 12.13
N VAL A 15 -8.77 6.69 10.89
CA VAL A 15 -9.81 5.89 10.24
C VAL A 15 -10.05 4.58 11.00
N PHE A 16 -8.97 3.95 11.45
CA PHE A 16 -9.08 2.68 12.16
C PHE A 16 -9.85 2.85 13.48
N ILE A 17 -9.50 3.89 14.23
CA ILE A 17 -10.22 4.20 15.46
C ILE A 17 -11.68 4.44 15.15
N ALA A 18 -11.98 5.20 14.10
CA ALA A 18 -13.37 5.45 13.71
C ALA A 18 -14.11 4.15 13.40
N MET A 19 -13.44 3.22 12.71
CA MET A 19 -14.05 1.93 12.39
C MET A 19 -14.37 1.13 13.65
N GLN A 20 -13.55 1.27 14.68
CA GLN A 20 -13.80 0.59 15.94
C GLN A 20 -15.01 1.21 16.65
N ILE A 21 -15.07 2.54 16.67
CA ILE A 21 -16.19 3.26 17.30
C ILE A 21 -17.52 3.13 16.55
N LEU A 22 -17.47 3.36 15.23
CA LEU A 22 -18.67 3.42 14.40
C LEU A 22 -19.06 2.09 13.76
N GLY A 23 -18.12 1.16 13.72
CA GLY A 23 -18.30 -0.08 12.98
C GLY A 23 -17.68 0.03 11.59
N ASP A 24 -17.21 -1.08 11.05
CA ASP A 24 -16.58 -1.06 9.73
C ASP A 24 -17.54 -0.53 8.67
N GLN A 25 -18.81 -0.94 8.72
CA GLN A 25 -19.75 -0.60 7.66
C GLN A 25 -19.93 0.90 7.43
N GLU A 26 -20.14 1.66 8.50
CA GLU A 26 -20.39 3.08 8.32
C GLU A 26 -19.19 3.76 7.67
N VAL A 27 -18.00 3.37 8.09
CA VAL A 27 -16.80 3.98 7.51
C VAL A 27 -16.66 3.57 6.04
N MET A 28 -16.91 2.29 5.73
CA MET A 28 -16.90 1.83 4.33
C MET A 28 -17.87 2.59 3.44
N LEU A 29 -19.05 2.94 3.96
CA LEU A 29 -19.97 3.73 3.15
C LEU A 29 -19.33 5.03 2.63
N TRP A 30 -18.41 5.60 3.41
CA TRP A 30 -17.75 6.85 3.01
C TRP A 30 -16.51 6.62 2.15
N LEU A 31 -15.75 5.55 2.44
CA LEU A 31 -14.40 5.44 1.88
C LEU A 31 -14.16 4.30 0.90
N ALA A 32 -15.09 3.36 0.79
CA ALA A 32 -14.89 2.20 -0.07
C ALA A 32 -14.89 2.57 -1.55
N TRP A 33 -14.20 1.75 -2.33
CA TRP A 33 -14.34 1.71 -3.79
C TRP A 33 -15.82 1.87 -4.17
N PRO A 34 -16.10 2.62 -5.25
CA PRO A 34 -17.53 2.84 -5.52
C PRO A 34 -18.32 1.53 -5.62
N PHE A 35 -19.39 1.44 -4.83
CA PHE A 35 -20.19 0.21 -4.73
C PHE A 35 -21.60 0.40 -5.29
N ASP A 36 -21.80 1.55 -5.94
CA ASP A 36 -23.07 1.92 -6.57
C ASP A 36 -22.75 2.85 -7.74
N PRO A 37 -23.46 2.68 -8.86
CA PRO A 37 -23.20 3.53 -10.03
C PRO A 37 -23.24 5.03 -9.73
N THR A 38 -24.08 5.46 -8.79
CA THR A 38 -24.19 6.88 -8.48
C THR A 38 -22.94 7.43 -7.78
N LEU A 39 -22.04 6.54 -7.37
CA LEU A 39 -20.81 6.95 -6.69
C LEU A 39 -19.58 6.88 -7.57
N LYS A 40 -19.75 6.57 -8.85
CA LYS A 40 -18.60 6.26 -9.70
C LYS A 40 -17.70 7.47 -9.99
N PHE A 41 -18.23 8.69 -9.79
CA PHE A 41 -17.44 9.89 -10.03
C PHE A 41 -16.90 10.51 -8.75
N GLU A 42 -17.15 9.82 -7.62
CA GLU A 42 -16.54 10.21 -6.35
C GLU A 42 -15.12 9.65 -6.39
N PHE A 43 -14.27 10.32 -7.16
CA PHE A 43 -13.02 9.73 -7.65
C PHE A 43 -11.98 9.46 -6.57
N TRP A 44 -12.12 10.12 -5.41
CA TRP A 44 -11.26 9.81 -4.27
C TRP A 44 -11.42 8.35 -3.82
N ARG A 45 -12.57 7.74 -4.08
CA ARG A 45 -12.83 6.37 -3.63
C ARG A 45 -11.95 5.32 -4.31
N TYR A 46 -11.38 5.66 -5.46
CA TYR A 46 -10.45 4.73 -6.13
C TYR A 46 -9.13 4.62 -5.37
N PHE A 47 -8.99 5.46 -4.35
CA PHE A 47 -7.80 5.47 -3.53
C PHE A 47 -8.08 5.33 -2.02
N THR A 48 -9.17 5.94 -1.54
CA THR A 48 -9.43 5.97 -0.10
C THR A 48 -9.70 4.60 0.54
N HIS A 49 -10.02 3.59 -0.26
CA HIS A 49 -10.15 2.22 0.27
C HIS A 49 -8.86 1.82 1.02
N ALA A 50 -7.74 2.38 0.58
CA ALA A 50 -6.46 2.04 1.19
C ALA A 50 -6.32 2.47 2.65
N LEU A 51 -7.20 3.37 3.10
CA LEU A 51 -7.10 3.94 4.45
C LEU A 51 -7.77 3.07 5.55
N MET A 52 -8.51 2.05 5.14
CA MET A 52 -9.29 1.24 6.08
C MET A 52 -8.58 -0.09 6.39
N HIS A 53 -8.46 -0.42 7.68
CA HIS A 53 -7.90 -1.72 8.09
C HIS A 53 -8.85 -2.49 9.00
N PHE A 54 -8.73 -3.81 9.02
CA PHE A 54 -9.79 -4.66 9.57
C PHE A 54 -9.37 -5.46 10.81
N SER A 55 -8.13 -5.26 11.24
CA SER A 55 -7.70 -5.84 12.50
C SER A 55 -6.47 -5.10 12.99
N LEU A 56 -6.13 -5.30 14.25
CA LEU A 56 -4.95 -4.67 14.79
C LEU A 56 -3.67 -5.11 14.06
N MET A 57 -3.55 -6.38 13.71
CA MET A 57 -2.34 -6.84 13.01
C MET A 57 -2.27 -6.25 11.59
N HIS A 58 -3.42 -6.14 10.94
CA HIS A 58 -3.50 -5.59 9.60
C HIS A 58 -2.91 -4.17 9.58
N ILE A 59 -3.37 -3.30 10.47
CA ILE A 59 -2.87 -1.93 10.46
C ILE A 59 -1.46 -1.80 11.04
N LEU A 60 -1.16 -2.57 12.10
CA LEU A 60 0.14 -2.42 12.74
C LEU A 60 1.29 -2.70 11.78
N PHE A 61 1.27 -3.88 11.16
CA PHE A 61 2.35 -4.23 10.27
C PHE A 61 2.35 -3.39 8.98
N ASN A 62 1.17 -3.02 8.49
CA ASN A 62 1.13 -2.16 7.31
C ASN A 62 1.76 -0.80 7.59
N LEU A 63 1.46 -0.22 8.75
CA LEU A 63 2.06 1.08 9.05
C LEU A 63 3.55 1.01 9.36
N LEU A 64 4.02 -0.10 9.94
CA LEU A 64 5.46 -0.28 10.15
C LEU A 64 6.18 -0.33 8.80
N TRP A 65 5.65 -1.14 7.89
CA TRP A 65 6.22 -1.23 6.54
C TRP A 65 6.13 0.09 5.77
N TRP A 66 4.97 0.73 5.86
CA TRP A 66 4.78 2.02 5.18
C TRP A 66 5.79 3.06 5.70
N TRP A 67 5.93 3.13 7.02
CA TRP A 67 6.84 4.09 7.64
C TRP A 67 8.28 3.87 7.17
N TYR A 68 8.71 2.60 7.15
CA TYR A 68 10.08 2.26 6.79
C TYR A 68 10.35 2.44 5.30
N LEU A 69 9.49 1.84 4.48
CA LEU A 69 9.67 1.85 3.03
C LEU A 69 9.23 3.18 2.42
N GLY A 70 8.02 3.62 2.73
CA GLY A 70 7.53 4.90 2.25
C GLY A 70 8.43 6.03 2.72
N GLY A 71 8.81 5.99 3.99
CA GLY A 71 9.68 7.00 4.54
C GLY A 71 11.02 7.08 3.81
N ALA A 72 11.58 5.91 3.47
CA ALA A 72 12.84 5.87 2.72
C ALA A 72 12.69 6.50 1.33
N VAL A 73 11.63 6.14 0.63
CA VAL A 73 11.36 6.72 -0.68
C VAL A 73 11.22 8.24 -0.60
N GLU A 74 10.40 8.71 0.33
CA GLU A 74 10.16 10.15 0.47
C GLU A 74 11.46 10.89 0.78
N LYS A 75 12.23 10.34 1.72
CA LYS A 75 13.47 10.98 2.15
C LYS A 75 14.50 11.08 1.03
N ARG A 76 14.70 9.98 0.31
CA ARG A 76 15.76 9.91 -0.69
C ARG A 76 15.33 10.36 -2.08
N LEU A 77 14.07 10.12 -2.43
CA LEU A 77 13.59 10.36 -3.78
C LEU A 77 12.55 11.48 -3.91
N GLY A 78 11.99 11.93 -2.78
CA GLY A 78 11.03 13.01 -2.78
C GLY A 78 9.59 12.60 -2.53
N SER A 79 8.79 13.53 -2.02
CA SER A 79 7.37 13.28 -1.77
C SER A 79 6.62 12.83 -3.03
N GLY A 80 6.99 13.45 -4.16
CA GLY A 80 6.33 13.15 -5.41
C GLY A 80 6.45 11.70 -5.82
N LYS A 81 7.65 11.13 -5.71
CA LYS A 81 7.85 9.70 -6.00
C LYS A 81 6.93 8.85 -5.13
N LEU A 82 6.90 9.13 -3.82
CA LEU A 82 6.04 8.37 -2.93
C LEU A 82 4.56 8.48 -3.31
N ILE A 83 4.11 9.69 -3.59
CA ILE A 83 2.71 9.89 -3.99
C ILE A 83 2.34 9.08 -5.24
N VAL A 84 3.20 9.09 -6.25
CA VAL A 84 2.91 8.36 -7.47
C VAL A 84 2.87 6.84 -7.26
N ILE A 85 3.85 6.30 -6.55
CA ILE A 85 3.86 4.88 -6.26
C ILE A 85 2.58 4.50 -5.51
N THR A 86 2.22 5.33 -4.52
CA THR A 86 1.06 5.06 -3.68
C THR A 86 -0.26 5.10 -4.47
N LEU A 87 -0.44 6.15 -5.27
CA LEU A 87 -1.67 6.30 -6.03
C LEU A 87 -1.82 5.20 -7.08
N ILE A 88 -0.76 4.93 -7.83
CA ILE A 88 -0.85 3.93 -8.89
C ILE A 88 -1.11 2.52 -8.32
N SER A 89 -0.34 2.14 -7.30
CA SER A 89 -0.52 0.83 -6.68
C SER A 89 -1.87 0.69 -5.99
N ALA A 90 -2.36 1.75 -5.35
CA ALA A 90 -3.68 1.69 -4.72
C ALA A 90 -4.79 1.52 -5.75
N LEU A 91 -4.68 2.27 -6.85
CA LEU A 91 -5.67 2.22 -7.91
C LEU A 91 -5.69 0.82 -8.55
N LEU A 92 -4.51 0.33 -8.92
CA LEU A 92 -4.45 -0.96 -9.61
C LEU A 92 -4.78 -2.14 -8.69
N SER A 93 -4.21 -2.15 -7.49
CA SER A 93 -4.54 -3.23 -6.56
C SER A 93 -6.02 -3.20 -6.20
N GLY A 94 -6.59 -2.01 -6.05
CA GLY A 94 -8.01 -1.88 -5.75
C GLY A 94 -8.86 -2.40 -6.90
N TYR A 95 -8.46 -2.05 -8.11
CA TYR A 95 -9.17 -2.49 -9.31
C TYR A 95 -9.21 -4.01 -9.41
N VAL A 96 -8.06 -4.64 -9.20
CA VAL A 96 -7.97 -6.09 -9.25
C VAL A 96 -8.79 -6.73 -8.15
N GLN A 97 -8.67 -6.20 -6.93
CA GLN A 97 -9.44 -6.76 -5.82
C GLN A 97 -10.94 -6.72 -6.12
N GLN A 98 -11.43 -5.59 -6.60
CA GLN A 98 -12.87 -5.44 -6.79
C GLN A 98 -13.39 -6.34 -7.92
N LYS A 99 -12.55 -6.56 -8.95
CA LYS A 99 -12.96 -7.42 -10.05
C LYS A 99 -13.16 -8.85 -9.55
N PHE A 100 -12.30 -9.27 -8.64
CA PHE A 100 -12.36 -10.63 -8.11
C PHE A 100 -13.47 -10.84 -7.08
N SER A 101 -13.63 -9.90 -6.14
CA SER A 101 -14.57 -10.15 -5.06
C SER A 101 -15.41 -8.97 -4.54
N GLY A 102 -15.60 -7.95 -5.38
CA GLY A 102 -16.48 -6.85 -5.03
C GLY A 102 -15.79 -5.70 -4.33
N PRO A 103 -16.55 -4.63 -4.02
CA PRO A 103 -16.03 -3.35 -3.52
C PRO A 103 -15.78 -3.30 -2.01
N TRP A 104 -16.13 -4.35 -1.27
CA TRP A 104 -16.00 -4.28 0.19
C TRP A 104 -14.66 -4.81 0.66
N PHE A 105 -13.64 -3.97 0.56
CA PHE A 105 -12.27 -4.32 0.94
C PHE A 105 -11.55 -3.06 1.38
N GLY A 106 -10.35 -3.22 1.93
CA GLY A 106 -9.58 -2.04 2.27
C GLY A 106 -8.18 -2.34 2.74
N GLY A 107 -7.36 -1.29 2.83
CA GLY A 107 -6.10 -1.39 3.52
C GLY A 107 -4.90 -1.16 2.63
N LEU A 108 -3.75 -1.04 3.25
CA LEU A 108 -2.53 -0.65 2.57
C LEU A 108 -1.70 -1.80 2.05
N THR A 109 -2.20 -3.03 2.18
CA THR A 109 -1.37 -4.19 1.85
C THR A 109 -0.83 -4.16 0.43
N GLY A 110 -1.68 -3.81 -0.53
CA GLY A 110 -1.27 -3.68 -1.93
C GLY A 110 -0.18 -2.65 -2.13
N VAL A 111 -0.36 -1.49 -1.52
CA VAL A 111 0.64 -0.43 -1.52
C VAL A 111 1.96 -0.89 -0.91
N VAL A 112 1.87 -1.61 0.20
CA VAL A 112 3.08 -2.14 0.82
C VAL A 112 3.82 -3.12 -0.10
N TYR A 113 3.10 -4.01 -0.77
CA TYR A 113 3.74 -4.89 -1.77
C TYR A 113 4.47 -4.06 -2.83
N ALA A 114 3.83 -3.01 -3.35
CA ALA A 114 4.48 -2.13 -4.32
C ALA A 114 5.76 -1.51 -3.75
N LEU A 115 5.68 -1.01 -2.51
CA LEU A 115 6.84 -0.38 -1.88
C LEU A 115 7.97 -1.38 -1.61
N MET A 116 7.60 -2.60 -1.23
CA MET A 116 8.60 -3.65 -1.06
C MET A 116 9.33 -3.93 -2.37
N GLY A 117 8.57 -4.17 -3.44
CA GLY A 117 9.16 -4.37 -4.75
C GLY A 117 10.01 -3.19 -5.19
N TYR A 118 9.51 -1.98 -4.97
CA TYR A 118 10.23 -0.79 -5.40
C TYR A 118 11.56 -0.62 -4.65
N VAL A 119 11.50 -0.65 -3.33
CA VAL A 119 12.68 -0.39 -2.52
C VAL A 119 13.72 -1.51 -2.69
N TRP A 120 13.25 -2.74 -2.72
CA TRP A 120 14.17 -3.86 -2.92
C TRP A 120 14.86 -3.74 -4.28
N LEU A 121 14.10 -3.64 -5.36
CA LEU A 121 14.70 -3.64 -6.69
C LEU A 121 15.52 -2.38 -6.97
N ARG A 122 15.02 -1.21 -6.59
CA ARG A 122 15.78 0.01 -6.81
C ARG A 122 17.13 -0.06 -6.07
N GLY A 123 17.11 -0.60 -4.86
CA GLY A 123 18.33 -0.70 -4.07
C GLY A 123 19.34 -1.66 -4.67
N GLU A 124 18.83 -2.76 -5.22
CA GLU A 124 19.70 -3.79 -5.80
C GLU A 124 20.26 -3.35 -7.16
N ARG A 125 19.43 -2.72 -7.98
CA ARG A 125 19.85 -2.30 -9.31
C ARG A 125 20.63 -0.98 -9.27
N ASP A 126 20.32 -0.14 -8.30
CA ASP A 126 20.79 1.24 -8.30
C ASP A 126 21.16 1.71 -6.88
N PRO A 127 22.16 1.05 -6.27
CA PRO A 127 22.58 1.31 -4.89
C PRO A 127 22.85 2.79 -4.61
N GLN A 128 23.36 3.52 -5.62
CA GLN A 128 23.68 4.94 -5.46
C GLN A 128 22.48 5.81 -5.09
N SER A 129 21.28 5.29 -5.34
CA SER A 129 20.05 6.01 -5.02
C SER A 129 19.91 6.26 -3.52
N GLY A 130 20.63 5.48 -2.73
CA GLY A 130 20.57 5.60 -1.28
C GLY A 130 19.38 4.85 -0.69
N ILE A 131 18.62 4.19 -1.56
CA ILE A 131 17.48 3.38 -1.17
C ILE A 131 17.88 1.91 -1.11
N TYR A 132 17.38 1.17 -0.13
CA TYR A 132 17.62 -0.28 -0.11
C TYR A 132 16.81 -0.98 0.98
N LEU A 133 16.52 -2.25 0.75
CA LEU A 133 15.85 -3.06 1.75
C LEU A 133 16.91 -3.92 2.45
N GLN A 134 17.22 -3.59 3.70
CA GLN A 134 18.23 -4.30 4.49
C GLN A 134 17.92 -5.79 4.58
N ARG A 135 18.95 -6.62 4.54
CA ARG A 135 18.78 -8.08 4.53
C ARG A 135 17.98 -8.58 5.72
N GLY A 136 18.22 -8.00 6.88
CA GLY A 136 17.46 -8.31 8.07
C GLY A 136 15.97 -8.12 7.84
N LEU A 137 15.61 -7.04 7.15
CA LEU A 137 14.21 -6.75 6.90
C LEU A 137 13.64 -7.60 5.77
N ILE A 138 14.50 -8.06 4.86
CA ILE A 138 14.04 -9.03 3.86
C ILE A 138 13.51 -10.28 4.53
N ILE A 139 14.15 -10.71 5.61
CA ILE A 139 13.65 -11.84 6.39
C ILE A 139 12.20 -11.61 6.82
N PHE A 140 11.95 -10.47 7.47
CA PHE A 140 10.60 -10.19 7.94
C PHE A 140 9.62 -9.90 6.81
N ALA A 141 10.09 -9.29 5.71
CA ALA A 141 9.22 -9.12 4.56
C ALA A 141 8.72 -10.47 4.04
N LEU A 142 9.61 -11.45 3.92
CA LEU A 142 9.20 -12.77 3.45
C LEU A 142 8.23 -13.44 4.42
N ILE A 143 8.47 -13.30 5.72
CA ILE A 143 7.55 -13.86 6.70
C ILE A 143 6.17 -13.23 6.55
N TRP A 144 6.14 -11.91 6.44
CA TRP A 144 4.91 -11.16 6.27
C TRP A 144 4.19 -11.54 4.96
N ILE A 145 4.96 -11.69 3.88
CA ILE A 145 4.40 -12.13 2.61
C ILE A 145 3.77 -13.53 2.69
N VAL A 146 4.52 -14.49 3.22
CA VAL A 146 4.02 -15.85 3.30
C VAL A 146 2.81 -15.97 4.21
N ALA A 147 2.86 -15.29 5.35
CA ALA A 147 1.73 -15.31 6.29
C ALA A 147 0.45 -14.79 5.63
N GLY A 148 0.57 -13.67 4.92
CA GLY A 148 -0.58 -13.08 4.27
C GLY A 148 -1.08 -13.94 3.11
N TRP A 149 -0.15 -14.58 2.42
CA TRP A 149 -0.48 -15.42 1.28
C TRP A 149 -1.45 -16.52 1.69
N PHE A 150 -1.27 -17.03 2.91
CA PHE A 150 -2.11 -18.11 3.41
C PHE A 150 -3.19 -17.59 4.35
N ASP A 151 -3.40 -16.29 4.32
CA ASP A 151 -4.50 -15.64 5.03
C ASP A 151 -4.47 -15.85 6.54
N LEU A 152 -3.28 -15.80 7.13
CA LEU A 152 -3.16 -15.96 8.58
C LEU A 152 -3.43 -14.65 9.31
N PHE A 153 -3.36 -13.56 8.55
CA PHE A 153 -3.84 -12.25 9.00
C PHE A 153 -4.10 -11.35 7.78
N SER A 156 -8.54 -11.99 3.42
CA SER A 156 -8.47 -13.25 2.69
C SER A 156 -8.66 -13.04 1.20
N MET A 157 -8.22 -14.02 0.41
CA MET A 157 -8.37 -14.03 -1.04
C MET A 157 -8.04 -12.69 -1.70
N ALA A 158 -6.88 -12.13 -1.38
CA ALA A 158 -6.44 -10.90 -2.02
C ALA A 158 -5.05 -11.04 -2.66
N ASN A 159 -4.62 -12.27 -2.91
CA ASN A 159 -3.25 -12.46 -3.40
C ASN A 159 -2.99 -11.85 -4.78
N GLY A 160 -3.97 -11.99 -5.68
CA GLY A 160 -3.85 -11.41 -7.01
C GLY A 160 -3.67 -9.90 -6.98
N ALA A 161 -4.45 -9.23 -6.14
CA ALA A 161 -4.34 -7.78 -6.02
C ALA A 161 -2.97 -7.39 -5.47
N HIS A 162 -2.47 -8.20 -4.55
CA HIS A 162 -1.17 -7.91 -3.96
C HIS A 162 -0.04 -8.10 -4.97
N ILE A 163 -0.16 -9.10 -5.83
CA ILE A 163 0.83 -9.30 -6.88
C ILE A 163 0.79 -8.15 -7.88
N ALA A 164 -0.40 -7.65 -8.18
CA ALA A 164 -0.55 -6.48 -9.03
C ALA A 164 0.21 -5.29 -8.43
N GLY A 165 0.09 -5.08 -7.12
CA GLY A 165 0.83 -4.03 -6.45
C GLY A 165 2.33 -4.22 -6.57
N LEU A 166 2.77 -5.44 -6.32
CA LEU A 166 4.19 -5.79 -6.40
C LEU A 166 4.71 -5.47 -7.80
N ALA A 167 3.91 -5.79 -8.81
CA ALA A 167 4.29 -5.56 -10.20
C ALA A 167 4.51 -4.09 -10.49
N VAL A 168 3.65 -3.23 -9.96
CA VAL A 168 3.80 -1.78 -10.12
C VAL A 168 5.14 -1.32 -9.55
N GLY A 169 5.46 -1.78 -8.35
CA GLY A 169 6.68 -1.36 -7.69
C GLY A 169 7.93 -1.82 -8.43
N LEU A 170 7.92 -3.07 -8.88
CA LEU A 170 9.06 -3.65 -9.61
C LEU A 170 9.26 -2.92 -10.93
N ALA A 171 8.16 -2.72 -11.64
CA ALA A 171 8.21 -1.98 -12.91
C ALA A 171 8.77 -0.57 -12.76
N MET A 172 8.22 0.20 -11.82
CA MET A 172 8.70 1.55 -11.59
C MET A 172 10.18 1.58 -11.17
N ALA A 173 10.58 0.63 -10.32
CA ALA A 173 11.98 0.59 -9.88
C ALA A 173 12.92 0.27 -11.04
N PHE A 174 12.52 -0.69 -11.87
CA PHE A 174 13.30 -1.03 -13.06
C PHE A 174 13.49 0.20 -13.94
N VAL A 175 12.40 0.84 -14.32
CA VAL A 175 12.50 2.00 -15.19
C VAL A 175 13.32 3.12 -14.55
N ASP A 176 13.07 3.39 -13.28
CA ASP A 176 13.80 4.42 -12.56
C ASP A 176 15.29 4.13 -12.47
N SER A 177 15.65 2.84 -12.44
CA SER A 177 17.06 2.46 -12.35
CA SER A 177 17.06 2.46 -12.35
C SER A 177 17.76 2.65 -13.69
N LEU A 178 17.00 2.58 -14.77
CA LEU A 178 17.56 2.77 -16.10
C LEU A 178 17.82 4.26 -16.32
N ASN A 179 16.83 5.08 -15.99
CA ASN A 179 16.95 6.52 -16.12
C ASN A 179 18.03 7.10 -15.20
N ALA A 180 17.99 6.72 -13.93
CA ALA A 180 18.99 7.16 -12.95
C ALA A 180 20.40 7.06 -13.53
C1 MC3 B . 16.77 -6.01 -17.85
C2 MC3 B . 15.81 -7.05 -17.29
C3 MC3 B . 15.92 -6.94 -15.78
C4 MC3 B . 20.66 -6.21 -19.17
C5 MC3 B . 21.70 -7.11 -19.82
C6 MC3 B . 23.20 -5.25 -20.05
C7 MC3 B . 23.36 -6.69 -18.13
C8 MC3 B . 24.00 -7.49 -20.30
C11 MC3 B . 14.40 -6.71 -13.81
C12 MC3 B . 13.10 -7.06 -13.12
C13 MC3 B . 11.94 -6.90 -14.09
C14 MC3 B . 11.81 -5.45 -14.55
C15 MC3 B . 10.39 -5.17 -15.03
C16 MC3 B . 9.42 -5.21 -13.87
C17 MC3 B . 8.41 -6.34 -14.02
C18 MC3 B . 7.70 -6.22 -15.37
C31 MC3 B . 13.66 -7.23 -18.45
C32 MC3 B . 12.79 -6.44 -19.41
C33 MC3 B . 11.56 -7.23 -19.81
C34 MC3 B . 10.55 -7.33 -18.67
C35 MC3 B . 9.36 -8.20 -19.11
C36 MC3 B . 8.74 -8.91 -17.91
C37 MC3 B . 7.85 -10.07 -18.36
C38 MC3 B . 7.31 -10.85 -17.17
N MC3 B . 23.06 -6.63 -19.57
O2 MC3 B . 14.62 -6.46 -17.71
O3 MC3 B . 14.63 -7.10 -15.18
O11 MC3 B . 15.26 -6.09 -13.20
O31 MC3 B . 13.55 -8.43 -18.26
O1P MC3 B . 19.30 -6.50 -15.60
O2P MC3 B . 19.31 -4.43 -17.24
O3P MC3 B . 18.03 -6.60 -17.75
O4P MC3 B . 20.40 -6.66 -17.84
P MC3 B . 19.24 -5.92 -16.98
C1 MC3 C . 16.92 -0.57 11.16
C2 MC3 C . 15.91 0.34 11.83
C3 MC3 C . 14.78 0.70 10.88
C4 MC3 C . 20.26 -2.36 12.57
C5 MC3 C . 21.60 -2.82 13.15
C6 MC3 C . 21.00 -5.10 12.89
C7 MC3 C . 22.02 -3.91 11.07
C8 MC3 C . 23.31 -4.50 13.02
C11 MC3 C . 12.37 0.14 10.71
C12 MC3 C . 11.51 -1.06 10.94
C13 MC3 C . 10.15 -0.76 10.35
C14 MC3 C . 9.65 -2.01 9.63
C15 MC3 C . 9.34 -3.11 10.64
C16 MC3 C . 8.73 -4.28 9.88
C17 MC3 C . 8.49 -5.49 10.78
C18 MC3 C . 7.54 -6.44 10.09
C19 MC3 C . 7.32 -7.70 10.90
C20 MC3 C . 6.35 -8.59 10.15
C21 MC3 C . 5.96 -9.81 10.98
C22 MC3 C . 4.99 -10.66 10.16
C23 MC3 C . 4.33 -11.74 11.00
C24 MC3 C . 3.19 -11.16 11.83
C31 MC3 C . 14.79 -1.59 12.75
C32 MC3 C . 14.35 -2.44 13.91
C33 MC3 C . 14.04 -3.84 13.40
C34 MC3 C . 12.58 -4.18 13.63
C35 MC3 C . 12.39 -5.68 13.82
C36 MC3 C . 10.97 -5.98 14.27
C37 MC3 C . 10.68 -7.47 14.18
C38 MC3 C . 9.32 -7.80 14.80
C39 MC3 C . 8.90 -9.22 14.46
C40 MC3 C . 7.81 -9.71 15.41
C41 MC3 C . 6.88 -10.73 14.76
C42 MC3 C . 7.57 -12.06 14.48
C43 MC3 C . 6.56 -13.13 14.10
C44 MC3 C . 6.48 -14.25 15.14
N MC3 C . 21.99 -4.09 12.53
O2 MC3 C . 15.42 -0.30 13.01
O3 MC3 C . 13.56 0.34 11.51
O11 MC3 C . 12.08 0.96 9.85
O31 MC3 C . 14.61 -1.97 11.60
O1P MC3 C . 19.82 1.07 12.44
O2P MC3 C . 19.26 0.21 10.04
O3P MC3 C . 18.04 -0.68 12.04
O4P MC3 C . 20.51 -1.24 11.72
P MC3 C . 19.42 -0.07 11.52
C1 MC3 D . 13.69 6.53 16.67
C2 MC3 D . 12.86 5.30 17.03
C3 MC3 D . 11.40 5.63 16.71
C11 MC3 D . 10.17 7.25 15.30
C12 MC3 D . 9.14 6.89 14.27
C13 MC3 D . 8.78 5.42 14.46
C14 MC3 D . 7.29 5.20 14.30
C15 MC3 D . 6.99 3.74 14.03
C16 MC3 D . 5.48 3.52 13.96
C17 MC3 D . 5.16 2.49 12.89
C18 MC3 D . 3.65 2.36 12.73
C19 MC3 D . 3.00 1.92 14.03
C20 MC3 D . 1.58 2.45 14.11
C21 MC3 D . 0.70 1.49 14.91
C22 MC3 D . -0.67 2.10 15.14
C23 MC3 D . -1.73 1.02 15.30
C24 MC3 D . -3.11 1.61 15.56
C31 MC3 D . 12.41 3.29 15.64
C32 MC3 D . 12.35 1.80 15.81
C33 MC3 D . 11.43 1.28 14.71
C34 MC3 D . 11.18 -0.21 14.82
C35 MC3 D . 9.81 -0.50 15.44
C36 MC3 D . 9.59 -2.01 15.48
C37 MC3 D . 8.28 -2.38 16.18
C38 MC3 D . 8.12 -3.89 16.22
C39 MC3 D . 6.84 -4.30 16.94
C40 MC3 D . 6.58 -5.79 16.73
C41 MC3 D . 5.19 -6.19 17.24
C42 MC3 D . 4.90 -7.61 16.82
C43 MC3 D . 3.78 -8.23 17.65
C44 MC3 D . 3.60 -9.70 17.31
O2 MC3 D . 13.37 4.11 16.38
O3 MC3 D . 11.33 6.39 15.50
O11 MC3 D . 10.07 8.28 15.95
O31 MC3 D . 11.68 3.79 14.82
O1P MC3 D . 17.49 6.85 16.86
O2P MC3 D . 15.82 8.79 17.43
O3P MC3 D . 15.02 6.39 17.17
O4P MC3 D . 15.79 7.68 15.16
P MC3 D . 16.12 7.48 16.72
C1 MC3 E . -3.58 -9.22 -12.87
C2 MC3 E . -4.05 -7.86 -13.39
C3 MC3 E . -5.40 -8.07 -14.08
C31 MC3 E . -2.01 -6.62 -13.73
C32 MC3 E . -0.94 -5.98 -14.57
C33 MC3 E . -0.20 -4.96 -13.70
C34 MC3 E . 1.13 -4.52 -14.31
C35 MC3 E . 1.64 -3.28 -13.57
C36 MC3 E . 3.01 -2.87 -14.10
C37 MC3 E . 3.29 -1.40 -13.78
C38 MC3 E . 2.53 -0.48 -14.73
C39 MC3 E . 2.93 0.97 -14.50
C40 MC3 E . 4.44 1.15 -14.65
C41 MC3 E . 4.82 2.63 -14.66
O2 MC3 E . -3.12 -7.35 -14.34
O3 MC3 E . -6.29 -8.79 -13.22
O31 MC3 E . -1.97 -6.54 -12.52
O3P MC3 E . -2.32 -9.06 -12.21
C1 MC3 F . -18.55 3.44 -16.24
C2 MC3 F . -17.56 4.59 -16.38
C3 MC3 F . -16.32 4.35 -15.53
C11 MC3 F . -15.22 6.00 -14.04
C12 MC3 F . -14.02 6.90 -13.82
C13 MC3 F . -14.45 8.19 -13.13
C14 MC3 F . -13.27 9.16 -13.01
C15 MC3 F . -13.71 10.50 -12.46
C16 MC3 F . -12.92 11.68 -13.03
C17 MC3 F . -11.46 11.66 -12.53
C18 MC3 F . -10.80 13.02 -12.70
C19 MC3 F . -11.54 14.08 -11.90
C20 MC3 F . -10.60 15.00 -11.15
C21 MC3 F . -9.98 16.03 -12.07
C22 MC3 F . -9.47 17.24 -11.28
C23 MC3 F . -8.79 18.26 -12.20
C24 MC3 F . -8.58 19.59 -11.49
C31 MC3 F . -15.97 4.21 -18.20
C32 MC3 F . -14.98 5.09 -18.94
C33 MC3 F . -13.73 4.30 -19.29
C34 MC3 F . -12.90 3.97 -18.06
C35 MC3 F . -12.47 5.24 -17.34
O2 MC3 F . -17.24 4.76 -17.77
O3 MC3 F . -15.60 5.57 -15.38
O11 MC3 F . -15.90 5.62 -13.10
O31 MC3 F . -15.72 3.03 -18.01
O3P MC3 F . -18.22 2.41 -17.17
C3 MC3 G . -18.93 10.19 16.46
C11 MC3 G . -16.93 10.09 15.16
C12 MC3 G . -15.59 9.48 14.80
C13 MC3 G . -14.64 9.62 15.98
C14 MC3 G . -13.24 9.15 15.64
C15 MC3 G . -12.24 9.87 16.53
C16 MC3 G . -10.86 9.23 16.48
C17 MC3 G . -9.77 10.29 16.66
C18 MC3 G . -8.67 9.78 17.58
C19 MC3 G . -7.34 10.47 17.29
C20 MC3 G . -6.17 9.62 17.78
C21 MC3 G . -4.84 10.13 17.24
C22 MC3 G . -4.81 10.07 15.72
C23 MC3 G . -3.53 10.65 15.14
C24 MC3 G . -2.33 9.77 15.44
O3 MC3 G . -17.65 9.59 16.33
C2 MC3 H . -14.51 0.84 -12.35
C3 MC3 H . -14.76 -0.46 -11.60
C11 MC3 H . -16.56 0.83 -10.68
C31 MC3 H . -12.65 2.47 -12.68
C32 MC3 H . -11.19 2.84 -12.51
C33 MC3 H . -11.04 4.35 -12.61
C34 MC3 H . -9.62 4.76 -12.26
C35 MC3 H . -9.34 6.20 -12.68
C36 MC3 H . -9.46 7.17 -11.52
C37 MC3 H . -8.53 8.35 -11.77
C38 MC3 H . -8.70 9.46 -10.75
C39 MC3 H . -7.70 10.57 -11.05
C40 MC3 H . -7.52 11.51 -9.87
C41 MC3 H . -8.17 12.87 -10.13
O2 MC3 H . -13.12 1.14 -12.37
O3 MC3 H . -15.56 -0.19 -10.44
O31 MC3 H . -13.45 3.30 -13.09
C1 MC3 I . -14.81 -2.44 -15.11
C2 MC3 I . -14.56 -0.98 -15.45
C31 MC3 I . -13.07 0.40 -16.71
C32 MC3 I . -11.79 0.58 -17.48
C33 MC3 I . -10.60 0.34 -16.55
C34 MC3 I . -9.37 1.06 -17.10
C35 MC3 I . -9.78 2.45 -17.61
C36 MC3 I . -8.59 3.26 -18.10
C37 MC3 I . -7.95 4.05 -16.95
C38 MC3 I . -6.90 5.02 -17.48
C39 MC3 I . -5.60 4.29 -17.84
C40 MC3 I . -4.77 5.12 -18.83
C41 MC3 I . -4.28 6.42 -18.19
O2 MC3 I . -13.60 -0.94 -16.51
O31 MC3 I . -13.65 1.37 -16.25
O3P MC3 I . -13.71 -3.20 -15.60
C1 MC3 J . 5.25 17.99 -1.72
C2 MC3 J . 3.79 17.85 -1.28
C3 MC3 J . 2.88 17.75 -2.50
C11 MC3 J . 0.66 16.83 -3.16
C12 MC3 J . -0.44 15.83 -2.87
C13 MC3 J . -1.14 15.43 -4.17
C14 MC3 J . -2.04 14.22 -3.95
C15 MC3 J . -3.01 14.03 -5.11
C16 MC3 J . -3.91 12.82 -4.87
C17 MC3 J . -5.26 12.96 -5.56
C18 MC3 J . -6.23 11.86 -5.13
C19 MC3 J . -6.10 11.56 -3.63
C20 MC3 J . -7.21 10.63 -3.16
C21 MC3 J . -6.97 10.13 -1.74
C22 MC3 J . -5.85 9.09 -1.67
C23 MC3 J . -5.86 8.30 -0.35
C24 MC3 J . -4.76 7.24 -0.35
O2 MC3 J . 3.65 16.68 -0.49
O3 MC3 J . 1.62 17.20 -2.12
O11 MC3 J . 0.76 17.34 -4.27
C11 MC3 K . 1.47 17.64 1.30
C12 MC3 K . 1.16 16.63 2.40
C13 MC3 K . -0.14 15.90 2.11
C14 MC3 K . 0.04 14.87 1.00
C15 MC3 K . -1.21 14.01 0.89
C16 MC3 K . -1.24 13.23 -0.42
C17 MC3 K . -1.12 11.72 -0.20
C18 MC3 K . -1.47 10.96 -1.47
C19 MC3 K . -1.00 9.51 -1.37
C11 MC3 L . -11.38 -2.60 18.80
C12 MC3 L . -10.44 -1.79 19.66
C13 MC3 L . -9.22 -1.33 18.85
C14 MC3 L . -8.79 0.06 19.30
C15 MC3 L . -7.37 0.37 18.84
C16 MC3 L . -7.02 1.84 19.02
C17 MC3 L . -5.57 2.09 18.64
C18 MC3 L . -5.19 3.56 18.77
C19 MC3 L . -3.73 3.77 18.37
C20 MC3 L . -3.25 5.16 18.72
C21 MC3 L . -1.79 5.34 18.32
C22 MC3 L . -1.25 6.72 18.69
C23 MC3 L . 0.25 6.79 18.46
C24 MC3 L . 0.81 8.16 18.78
C11 MC3 M . -17.57 -1.26 21.12
C12 MC3 M . -16.16 -1.02 20.62
C13 MC3 M . -15.70 0.39 20.97
C14 MC3 M . -14.25 0.56 20.57
C15 MC3 M . -13.71 1.95 20.90
C16 MC3 M . -12.20 1.97 20.79
C17 MC3 M . -11.67 3.39 20.93
C18 MC3 M . -10.14 3.41 20.97
C19 MC3 M . -9.61 4.81 21.23
C20 MC3 M . -8.10 4.86 21.04
C21 MC3 M . -7.57 6.29 21.18
C22 MC3 M . -6.09 6.34 20.83
C23 MC3 M . -5.61 7.77 20.64
C24 MC3 M . -4.72 8.21 21.81
O3 MC3 M . -18.63 -0.31 20.82
O11 MC3 M . -17.83 -2.26 21.78
C11 MC3 N . 8.82 17.91 18.53
C12 MC3 N . 7.36 17.59 18.22
C13 MC3 N . 7.12 16.08 18.24
C14 MC3 N . 5.65 15.77 18.52
C15 MC3 N . 5.37 14.27 18.43
C16 MC3 N . 3.92 13.97 18.82
C17 MC3 N . 3.56 12.53 18.52
C18 MC3 N . 2.14 12.21 18.98
C11 MC3 O . 6.89 20.04 7.77
C12 MC3 O . 7.30 20.47 9.16
C13 MC3 O . 7.08 19.31 10.13
C14 MC3 O . 7.95 19.46 11.37
C15 MC3 O . 7.89 18.21 12.23
C16 MC3 O . 8.25 16.97 11.43
C17 MC3 O . 7.04 16.07 11.20
C18 MC3 O . 6.51 15.53 12.52
C19 MC3 O . 5.39 14.52 12.29
C20 MC3 O . 4.96 13.85 13.58
C21 MC3 O . 3.58 13.23 13.46
C22 MC3 O . 3.10 12.70 14.79
C23 MC3 O . 1.60 12.42 14.79
C24 MC3 O . 1.29 11.14 14.01
O3 MC3 O . 7.43 19.09 7.24
#